data_1MRT
# 
_entry.id   1MRT 
# 
_audit_conform.dict_name       mmcif_pdbx.dic 
_audit_conform.dict_version    5.392 
_audit_conform.dict_location   http://mmcif.pdb.org/dictionaries/ascii/mmcif_pdbx.dic 
# 
loop_
_database_2.database_id 
_database_2.database_code 
_database_2.pdbx_database_accession 
_database_2.pdbx_DOI 
PDB   1MRT         pdb_00001mrt 10.2210/pdb1mrt/pdb 
WWPDB D_1000175138 ?            ?                   
# 
loop_
_pdbx_audit_revision_history.ordinal 
_pdbx_audit_revision_history.data_content_type 
_pdbx_audit_revision_history.major_revision 
_pdbx_audit_revision_history.minor_revision 
_pdbx_audit_revision_history.revision_date 
1 'Structure model' 1 0 1991-04-15 
2 'Structure model' 1 1 2008-03-03 
3 'Structure model' 1 2 2011-07-13 
4 'Structure model' 1 3 2022-02-23 
5 'Structure model' 1 4 2024-05-22 
# 
_pdbx_audit_revision_details.ordinal             1 
_pdbx_audit_revision_details.revision_ordinal    1 
_pdbx_audit_revision_details.data_content_type   'Structure model' 
_pdbx_audit_revision_details.provider            repository 
_pdbx_audit_revision_details.type                'Initial release' 
_pdbx_audit_revision_details.description         ? 
_pdbx_audit_revision_details.details             ? 
# 
loop_
_pdbx_audit_revision_group.ordinal 
_pdbx_audit_revision_group.revision_ordinal 
_pdbx_audit_revision_group.data_content_type 
_pdbx_audit_revision_group.group 
1 2 'Structure model' 'Version format compliance' 
2 3 'Structure model' 'Version format compliance' 
3 4 'Structure model' 'Database references'       
4 4 'Structure model' 'Derived calculations'      
5 4 'Structure model' Other                       
6 5 'Structure model' 'Data collection'           
# 
loop_
_pdbx_audit_revision_category.ordinal 
_pdbx_audit_revision_category.revision_ordinal 
_pdbx_audit_revision_category.data_content_type 
_pdbx_audit_revision_category.category 
1 4 'Structure model' database_2             
2 4 'Structure model' pdbx_database_status   
3 4 'Structure model' pdbx_struct_assembly   
4 4 'Structure model' pdbx_struct_conn_angle 
5 4 'Structure model' pdbx_struct_oper_list  
6 4 'Structure model' struct_conn            
7 4 'Structure model' struct_site            
8 5 'Structure model' chem_comp_atom         
9 5 'Structure model' chem_comp_bond         
# 
loop_
_pdbx_audit_revision_item.ordinal 
_pdbx_audit_revision_item.revision_ordinal 
_pdbx_audit_revision_item.data_content_type 
_pdbx_audit_revision_item.item 
1  4 'Structure model' '_database_2.pdbx_DOI'                        
2  4 'Structure model' '_database_2.pdbx_database_accession'         
3  4 'Structure model' '_pdbx_database_status.process_site'          
4  4 'Structure model' '_pdbx_struct_conn_angle.ptnr1_auth_seq_id'   
5  4 'Structure model' '_pdbx_struct_conn_angle.ptnr1_label_atom_id' 
6  4 'Structure model' '_pdbx_struct_conn_angle.ptnr1_label_seq_id'  
7  4 'Structure model' '_pdbx_struct_conn_angle.ptnr2_auth_seq_id'   
8  4 'Structure model' '_pdbx_struct_conn_angle.ptnr2_label_asym_id' 
9  4 'Structure model' '_pdbx_struct_conn_angle.ptnr3_auth_seq_id'   
10 4 'Structure model' '_pdbx_struct_conn_angle.ptnr3_label_atom_id' 
11 4 'Structure model' '_pdbx_struct_conn_angle.ptnr3_label_seq_id'  
12 4 'Structure model' '_pdbx_struct_conn_angle.value'               
13 4 'Structure model' '_struct_conn.pdbx_dist_value'                
14 4 'Structure model' '_struct_conn.ptnr1_auth_comp_id'             
15 4 'Structure model' '_struct_conn.ptnr1_auth_seq_id'              
16 4 'Structure model' '_struct_conn.ptnr1_label_asym_id'            
17 4 'Structure model' '_struct_conn.ptnr1_label_atom_id'            
18 4 'Structure model' '_struct_conn.ptnr1_label_comp_id'            
19 4 'Structure model' '_struct_conn.ptnr1_label_seq_id'             
20 4 'Structure model' '_struct_conn.ptnr2_auth_comp_id'             
21 4 'Structure model' '_struct_conn.ptnr2_auth_seq_id'              
22 4 'Structure model' '_struct_conn.ptnr2_label_asym_id'            
23 4 'Structure model' '_struct_conn.ptnr2_label_atom_id'            
24 4 'Structure model' '_struct_conn.ptnr2_label_comp_id'            
25 4 'Structure model' '_struct_conn.ptnr2_label_seq_id'             
26 4 'Structure model' '_struct_site.pdbx_auth_asym_id'              
27 4 'Structure model' '_struct_site.pdbx_auth_comp_id'              
28 4 'Structure model' '_struct_site.pdbx_auth_seq_id'               
# 
_pdbx_database_status.status_code                     REL 
_pdbx_database_status.entry_id                        1MRT 
_pdbx_database_status.recvd_initial_deposition_date   1990-05-14 
_pdbx_database_status.deposit_site                    ? 
_pdbx_database_status.process_site                    BNL 
_pdbx_database_status.status_code_sf                  ? 
_pdbx_database_status.status_code_mr                  REL 
_pdbx_database_status.SG_entry                        ? 
_pdbx_database_status.pdb_format_compatible           Y 
_pdbx_database_status.status_code_cs                  ? 
_pdbx_database_status.status_code_nmr_data            ? 
_pdbx_database_status.methods_development_category    ? 
# 
loop_
_audit_author.name 
_audit_author.pdbx_ordinal 
'Braun, W.'       1 
'Schultze, P.'    2 
'Woergoetter, E.' 3 
'Wagner, G.'      4 
'Vasak, M.'       5 
'Kaegi, J.H.R.'   6 
'Wuthrich, K.'    7 
# 
loop_
_citation.id 
_citation.title 
_citation.journal_abbrev 
_citation.journal_volume 
_citation.page_first 
_citation.page_last 
_citation.year 
_citation.journal_id_ASTM 
_citation.country 
_citation.journal_id_ISSN 
_citation.journal_id_CSD 
_citation.book_publisher 
_citation.pdbx_database_id_PubMed 
_citation.pdbx_database_id_DOI 
primary 
'Conformation of [Cd7]-metallothionein-2 from rat liver in aqueous solution determined by nuclear magnetic resonance spectroscopy.' 
J.Mol.Biol.    203 251 268 1988 JMOBAK UK 0022-2836 0070 ? 3184190 '10.1016/0022-2836(88)90106-4' 
1       
'Three-Dimensional Structure of Rabbit Liver Cd-7 Metallothionein-2A in Aqueous Solution Determined by Nuclear Magnetic Resonance.' 
J.Mol.Biol.    201 637 ?   1988 JMOBAK UK 0022-2836 0070 ? ?       ?                              
2       'Sequence-Specific 1H-NMR Assignments in Rat-Liver Metallothionein-2' Eur.J.Biochem. 167 457 ?   1987 EJBCAI IX 0014-2956 
0262 ? ?       ?                              
3       
;Metal Co-Ordination in Rat Liver Metallothionein-2 Prepared with or without Reconstitution of the Metal Clusters, and Comparison with Rabbit Liver Metallothionein-2.
;
J.Mol.Biol.    196 711 ?   1987 JMOBAK UK 0022-2836 0070 ? ?       ?                              
# 
loop_
_citation_author.citation_id 
_citation_author.name 
_citation_author.ordinal 
_citation_author.identifier_ORCID 
primary 'Schultze, P.'    1  ? 
primary 'Worgotter, E.'   2  ? 
primary 'Braun, W.'       3  ? 
primary 'Wagner, G.'      4  ? 
primary 'Vasak, M.'       5  ? 
primary 'Kagi, J.H.'      6  ? 
primary 'Wuthrich, K.'    7  ? 
1       'Arseniev, A.'    8  ? 
1       'Schultze, P.'    9  ? 
1       'Woergoetter, E.' 10 ? 
1       'Braun, W.'       11 ? 
1       'Wagner, G.'      12 ? 
1       'Vasak, M.'       13 ? 
1       'Kaegi, J.H.R.'   14 ? 
1       'Wuthrich, K.'    15 ? 
2       'Woergoetter, E.' 16 ? 
2       'Wagner, G.'      17 ? 
2       'Vasak, M.'       18 ? 
2       'Kaegi, J.H.R.'   19 ? 
2       'Wuthrich, K.'    20 ? 
3       'Vasak, M.'       21 ? 
3       'Woergoetter, E.' 22 ? 
3       'Wagner, G.'      23 ? 
3       'Kaegi, J.H.R.'   24 ? 
3       'Wuthrich, K.'    25 ? 
# 
loop_
_entity.id 
_entity.type 
_entity.src_method 
_entity.pdbx_description 
_entity.formula_weight 
_entity.pdbx_number_of_molecules 
_entity.pdbx_ec 
_entity.pdbx_mutation 
_entity.pdbx_fragment 
_entity.details 
1 polymer     man 'CD7 METALLOTHIONEIN-2' 3113.765 1 ? ? ? ? 
2 non-polymer syn 'CADMIUM ION'           112.411  4 ? ? ? ? 
# 
_entity_poly.entity_id                      1 
_entity_poly.type                           'polypeptide(L)' 
_entity_poly.nstd_linkage                   no 
_entity_poly.nstd_monomer                   no 
_entity_poly.pdbx_seq_one_letter_code       KSCCSCCPVGCAKCSQGCICKEASDKCSCCA 
_entity_poly.pdbx_seq_one_letter_code_can   KSCCSCCPVGCAKCSQGCICKEASDKCSCCA 
_entity_poly.pdbx_strand_id                 A 
_entity_poly.pdbx_target_identifier         ? 
# 
_pdbx_entity_nonpoly.entity_id   2 
_pdbx_entity_nonpoly.name        'CADMIUM ION' 
_pdbx_entity_nonpoly.comp_id     CD 
# 
loop_
_entity_poly_seq.entity_id 
_entity_poly_seq.num 
_entity_poly_seq.mon_id 
_entity_poly_seq.hetero 
1 1  LYS n 
1 2  SER n 
1 3  CYS n 
1 4  CYS n 
1 5  SER n 
1 6  CYS n 
1 7  CYS n 
1 8  PRO n 
1 9  VAL n 
1 10 GLY n 
1 11 CYS n 
1 12 ALA n 
1 13 LYS n 
1 14 CYS n 
1 15 SER n 
1 16 GLN n 
1 17 GLY n 
1 18 CYS n 
1 19 ILE n 
1 20 CYS n 
1 21 LYS n 
1 22 GLU n 
1 23 ALA n 
1 24 SER n 
1 25 ASP n 
1 26 LYS n 
1 27 CYS n 
1 28 SER n 
1 29 CYS n 
1 30 CYS n 
1 31 ALA n 
# 
_entity_src_gen.entity_id                          1 
_entity_src_gen.pdbx_src_id                        1 
_entity_src_gen.pdbx_alt_source_flag               sample 
_entity_src_gen.pdbx_seq_type                      ? 
_entity_src_gen.pdbx_beg_seq_num                   ? 
_entity_src_gen.pdbx_end_seq_num                   ? 
_entity_src_gen.gene_src_common_name               'black rat' 
_entity_src_gen.gene_src_genus                     Rattus 
_entity_src_gen.pdbx_gene_src_gene                 ? 
_entity_src_gen.gene_src_species                   ? 
_entity_src_gen.gene_src_strain                    ? 
_entity_src_gen.gene_src_tissue                    ? 
_entity_src_gen.gene_src_tissue_fraction           ? 
_entity_src_gen.gene_src_details                   ? 
_entity_src_gen.pdbx_gene_src_fragment             ? 
_entity_src_gen.pdbx_gene_src_scientific_name      'Rattus rattus' 
_entity_src_gen.pdbx_gene_src_ncbi_taxonomy_id     10117 
_entity_src_gen.pdbx_gene_src_variant              ? 
_entity_src_gen.pdbx_gene_src_cell_line            ? 
_entity_src_gen.pdbx_gene_src_atcc                 ? 
_entity_src_gen.pdbx_gene_src_organ                ? 
_entity_src_gen.pdbx_gene_src_organelle            ? 
_entity_src_gen.pdbx_gene_src_cell                 ? 
_entity_src_gen.pdbx_gene_src_cellular_location    ? 
_entity_src_gen.host_org_common_name               ? 
_entity_src_gen.pdbx_host_org_scientific_name      ? 
_entity_src_gen.pdbx_host_org_ncbi_taxonomy_id     ? 
_entity_src_gen.host_org_genus                     ? 
_entity_src_gen.pdbx_host_org_gene                 ? 
_entity_src_gen.pdbx_host_org_organ                ? 
_entity_src_gen.host_org_species                   ? 
_entity_src_gen.pdbx_host_org_tissue               ? 
_entity_src_gen.pdbx_host_org_tissue_fraction      ? 
_entity_src_gen.pdbx_host_org_strain               ? 
_entity_src_gen.pdbx_host_org_variant              ? 
_entity_src_gen.pdbx_host_org_cell_line            ? 
_entity_src_gen.pdbx_host_org_atcc                 ? 
_entity_src_gen.pdbx_host_org_culture_collection   ? 
_entity_src_gen.pdbx_host_org_cell                 ? 
_entity_src_gen.pdbx_host_org_organelle            ? 
_entity_src_gen.pdbx_host_org_cellular_location    ? 
_entity_src_gen.pdbx_host_org_vector_type          ? 
_entity_src_gen.pdbx_host_org_vector               ? 
_entity_src_gen.host_org_details                   ? 
_entity_src_gen.expression_system_id               ? 
_entity_src_gen.plasmid_name                       ? 
_entity_src_gen.plasmid_details                    ? 
_entity_src_gen.pdbx_description                   ? 
# 
loop_
_chem_comp.id 
_chem_comp.type 
_chem_comp.mon_nstd_flag 
_chem_comp.name 
_chem_comp.pdbx_synonyms 
_chem_comp.formula 
_chem_comp.formula_weight 
ALA 'L-peptide linking' y ALANINE         ? 'C3 H7 N O2'     89.093  
ASP 'L-peptide linking' y 'ASPARTIC ACID' ? 'C4 H7 N O4'     133.103 
CD  non-polymer         . 'CADMIUM ION'   ? 'Cd 2'           112.411 
CYS 'L-peptide linking' y CYSTEINE        ? 'C3 H7 N O2 S'   121.158 
GLN 'L-peptide linking' y GLUTAMINE       ? 'C5 H10 N2 O3'   146.144 
GLU 'L-peptide linking' y 'GLUTAMIC ACID' ? 'C5 H9 N O4'     147.129 
GLY 'peptide linking'   y GLYCINE         ? 'C2 H5 N O2'     75.067  
ILE 'L-peptide linking' y ISOLEUCINE      ? 'C6 H13 N O2'    131.173 
LYS 'L-peptide linking' y LYSINE          ? 'C6 H15 N2 O2 1' 147.195 
PRO 'L-peptide linking' y PROLINE         ? 'C5 H9 N O2'     115.130 
SER 'L-peptide linking' y SERINE          ? 'C3 H7 N O3'     105.093 
VAL 'L-peptide linking' y VALINE          ? 'C5 H11 N O2'    117.146 
# 
loop_
_pdbx_poly_seq_scheme.asym_id 
_pdbx_poly_seq_scheme.entity_id 
_pdbx_poly_seq_scheme.seq_id 
_pdbx_poly_seq_scheme.mon_id 
_pdbx_poly_seq_scheme.ndb_seq_num 
_pdbx_poly_seq_scheme.pdb_seq_num 
_pdbx_poly_seq_scheme.auth_seq_num 
_pdbx_poly_seq_scheme.pdb_mon_id 
_pdbx_poly_seq_scheme.auth_mon_id 
_pdbx_poly_seq_scheme.pdb_strand_id 
_pdbx_poly_seq_scheme.pdb_ins_code 
_pdbx_poly_seq_scheme.hetero 
A 1 1  LYS 1  31 31 LYS LYS A . n 
A 1 2  SER 2  32 32 SER SER A . n 
A 1 3  CYS 3  33 33 CYS CYS A . n 
A 1 4  CYS 4  34 34 CYS CYS A . n 
A 1 5  SER 5  35 35 SER SER A . n 
A 1 6  CYS 6  36 36 CYS CYS A . n 
A 1 7  CYS 7  37 37 CYS CYS A . n 
A 1 8  PRO 8  38 38 PRO PRO A . n 
A 1 9  VAL 9  39 39 VAL VAL A . n 
A 1 10 GLY 10 40 40 GLY GLY A . n 
A 1 11 CYS 11 41 41 CYS CYS A . n 
A 1 12 ALA 12 42 42 ALA ALA A . n 
A 1 13 LYS 13 43 43 LYS LYS A . n 
A 1 14 CYS 14 44 44 CYS CYS A . n 
A 1 15 SER 15 45 45 SER SER A . n 
A 1 16 GLN 16 46 46 GLN GLN A . n 
A 1 17 GLY 17 47 47 GLY GLY A . n 
A 1 18 CYS 18 48 48 CYS CYS A . n 
A 1 19 ILE 19 49 49 ILE ILE A . n 
A 1 20 CYS 20 50 50 CYS CYS A . n 
A 1 21 LYS 21 51 51 LYS LYS A . n 
A 1 22 GLU 22 52 52 GLU GLU A . n 
A 1 23 ALA 23 53 53 ALA ALA A . n 
A 1 24 SER 24 54 54 SER SER A . n 
A 1 25 ASP 25 55 55 ASP ASP A . n 
A 1 26 LYS 26 56 56 LYS LYS A . n 
A 1 27 CYS 27 57 57 CYS CYS A . n 
A 1 28 SER 28 58 58 SER SER A . n 
A 1 29 CYS 29 59 59 CYS CYS A . n 
A 1 30 CYS 30 60 60 CYS CYS A . n 
A 1 31 ALA 31 61 61 ALA ALA A . n 
# 
loop_
_pdbx_nonpoly_scheme.asym_id 
_pdbx_nonpoly_scheme.entity_id 
_pdbx_nonpoly_scheme.mon_id 
_pdbx_nonpoly_scheme.ndb_seq_num 
_pdbx_nonpoly_scheme.pdb_seq_num 
_pdbx_nonpoly_scheme.auth_seq_num 
_pdbx_nonpoly_scheme.pdb_mon_id 
_pdbx_nonpoly_scheme.auth_mon_id 
_pdbx_nonpoly_scheme.pdb_strand_id 
_pdbx_nonpoly_scheme.pdb_ins_code 
B 2 CD 1 101 101 CD CD A . 
C 2 CD 1 105 105 CD CD A . 
D 2 CD 1 106 106 CD CD A . 
E 2 CD 1 107 107 CD CD A . 
# 
_cell.entry_id           1MRT 
_cell.length_a           1.000 
_cell.length_b           1.000 
_cell.length_c           1.000 
_cell.angle_alpha        90.00 
_cell.angle_beta         90.00 
_cell.angle_gamma        90.00 
_cell.Z_PDB              1 
_cell.pdbx_unique_axis   ? 
# 
_symmetry.entry_id                         1MRT 
_symmetry.space_group_name_H-M             'P 1' 
_symmetry.pdbx_full_space_group_name_H-M   ? 
_symmetry.cell_setting                     ? 
_symmetry.Int_Tables_number                1 
# 
_exptl.entry_id          1MRT 
_exptl.method            'SOLUTION NMR' 
_exptl.crystals_number   ? 
# 
_struct.entry_id                  1MRT 
_struct.title                     
'CONFORMATION OF CD-7 METALLOTHIONEIN-2 FROM RAT LIVER IN AQUEOUS SOLUTION DETERMINED BY NUCLEAR MAGNETIC RESONANCE SPECTROSCOPY' 
_struct.pdbx_model_details        ? 
_struct.pdbx_CASP_flag            ? 
_struct.pdbx_model_type_details   ? 
# 
_struct_keywords.entry_id        1MRT 
_struct_keywords.pdbx_keywords   METALLOTHIONEIN 
_struct_keywords.text            METALLOTHIONEIN 
# 
loop_
_struct_asym.id 
_struct_asym.pdbx_blank_PDB_chainid_flag 
_struct_asym.pdbx_modified 
_struct_asym.entity_id 
_struct_asym.details 
A Y N 1 ? 
B N N 2 ? 
C N N 2 ? 
D N N 2 ? 
E N N 2 ? 
# 
_struct_ref.id                         1 
_struct_ref.db_name                    UNP 
_struct_ref.db_code                    MT2_RAT 
_struct_ref.entity_id                  1 
_struct_ref.pdbx_db_accession          P04355 
_struct_ref.pdbx_align_begin           1 
_struct_ref.pdbx_seq_one_letter_code   MDPNCSCATDGSCSCAGSCKCKQCKCTSCKKSCCSCCPVGCAKCSQGCICKEASDKCSCCA 
_struct_ref.pdbx_db_isoform            ? 
# 
_struct_ref_seq.align_id                      1 
_struct_ref_seq.ref_id                        1 
_struct_ref_seq.pdbx_PDB_id_code              1MRT 
_struct_ref_seq.pdbx_strand_id                A 
_struct_ref_seq.seq_align_beg                 1 
_struct_ref_seq.pdbx_seq_align_beg_ins_code   ? 
_struct_ref_seq.seq_align_end                 31 
_struct_ref_seq.pdbx_seq_align_end_ins_code   ? 
_struct_ref_seq.pdbx_db_accession             P04355 
_struct_ref_seq.db_align_beg                  31 
_struct_ref_seq.pdbx_db_align_beg_ins_code    ? 
_struct_ref_seq.db_align_end                  61 
_struct_ref_seq.pdbx_db_align_end_ins_code    ? 
_struct_ref_seq.pdbx_auth_seq_align_beg       31 
_struct_ref_seq.pdbx_auth_seq_align_end       61 
# 
_pdbx_struct_assembly.id                   1 
_pdbx_struct_assembly.details              author_defined_assembly 
_pdbx_struct_assembly.method_details       ? 
_pdbx_struct_assembly.oligomeric_details   monomeric 
_pdbx_struct_assembly.oligomeric_count     1 
# 
_pdbx_struct_assembly_gen.assembly_id       1 
_pdbx_struct_assembly_gen.oper_expression   1 
_pdbx_struct_assembly_gen.asym_id_list      A,B,C,D,E 
# 
_pdbx_struct_oper_list.id                   1 
_pdbx_struct_oper_list.type                 'identity operation' 
_pdbx_struct_oper_list.name                 1_555 
_pdbx_struct_oper_list.symmetry_operation   x,y,z 
_pdbx_struct_oper_list.matrix[1][1]         1.0000000000 
_pdbx_struct_oper_list.matrix[1][2]         0.0000000000 
_pdbx_struct_oper_list.matrix[1][3]         0.0000000000 
_pdbx_struct_oper_list.vector[1]            0.0000000000 
_pdbx_struct_oper_list.matrix[2][1]         0.0000000000 
_pdbx_struct_oper_list.matrix[2][2]         1.0000000000 
_pdbx_struct_oper_list.matrix[2][3]         0.0000000000 
_pdbx_struct_oper_list.vector[2]            0.0000000000 
_pdbx_struct_oper_list.matrix[3][1]         0.0000000000 
_pdbx_struct_oper_list.matrix[3][2]         0.0000000000 
_pdbx_struct_oper_list.matrix[3][3]         1.0000000000 
_pdbx_struct_oper_list.vector[3]            0.0000000000 
# 
_struct_biol.id   1 
# 
loop_
_struct_conn.id 
_struct_conn.conn_type_id 
_struct_conn.pdbx_leaving_atom_flag 
_struct_conn.pdbx_PDB_id 
_struct_conn.ptnr1_label_asym_id 
_struct_conn.ptnr1_label_comp_id 
_struct_conn.ptnr1_label_seq_id 
_struct_conn.ptnr1_label_atom_id 
_struct_conn.pdbx_ptnr1_label_alt_id 
_struct_conn.pdbx_ptnr1_PDB_ins_code 
_struct_conn.pdbx_ptnr1_standard_comp_id 
_struct_conn.ptnr1_symmetry 
_struct_conn.ptnr2_label_asym_id 
_struct_conn.ptnr2_label_comp_id 
_struct_conn.ptnr2_label_seq_id 
_struct_conn.ptnr2_label_atom_id 
_struct_conn.pdbx_ptnr2_label_alt_id 
_struct_conn.pdbx_ptnr2_PDB_ins_code 
_struct_conn.ptnr1_auth_asym_id 
_struct_conn.ptnr1_auth_comp_id 
_struct_conn.ptnr1_auth_seq_id 
_struct_conn.ptnr2_auth_asym_id 
_struct_conn.ptnr2_auth_comp_id 
_struct_conn.ptnr2_auth_seq_id 
_struct_conn.ptnr2_symmetry 
_struct_conn.pdbx_ptnr3_label_atom_id 
_struct_conn.pdbx_ptnr3_label_seq_id 
_struct_conn.pdbx_ptnr3_label_comp_id 
_struct_conn.pdbx_ptnr3_label_asym_id 
_struct_conn.pdbx_ptnr3_label_alt_id 
_struct_conn.pdbx_ptnr3_PDB_ins_code 
_struct_conn.details 
_struct_conn.pdbx_dist_value 
_struct_conn.pdbx_value_order 
_struct_conn.pdbx_role 
metalc1  metalc ? ? A CYS 3  SG ? ? ? 1_555 C CD . CD ? ? A CYS 33 A CD 105 1_555 ? ? ? ? ? ? ? 2.558 ? ? 
metalc2  metalc ? ? A CYS 4  SG ? ? ? 1_555 C CD . CD ? ? A CYS 34 A CD 105 1_555 ? ? ? ? ? ? ? 2.476 ? ? 
metalc3  metalc ? ? A CYS 4  SG ? ? ? 1_555 E CD . CD ? ? A CYS 34 A CD 107 1_555 ? ? ? ? ? ? ? 2.481 ? ? 
metalc4  metalc ? ? A CYS 6  SG ? ? ? 1_555 E CD . CD ? ? A CYS 36 A CD 107 1_555 ? ? ? ? ? ? ? 2.480 ? ? 
metalc5  metalc ? ? A CYS 7  SG ? ? ? 1_555 D CD . CD ? ? A CYS 37 A CD 106 1_555 ? ? ? ? ? ? ? 2.813 ? ? 
metalc6  metalc ? ? A CYS 7  SG ? ? ? 1_555 E CD . CD ? ? A CYS 37 A CD 107 1_555 ? ? ? ? ? ? ? 2.529 ? ? 
metalc7  metalc ? ? A CYS 7  N  ? ? ? 1_555 E CD . CD ? ? A CYS 37 A CD 107 1_555 ? ? ? ? ? ? ? 3.147 ? ? 
metalc8  metalc ? ? A CYS 11 SG ? ? ? 1_555 D CD . CD ? ? A CYS 41 A CD 106 1_555 ? ? ? ? ? ? ? 2.529 ? ? 
metalc9  metalc ? ? A CYS 14 SG ? ? ? 1_555 C CD . CD ? ? A CYS 44 A CD 105 1_555 ? ? ? ? ? ? ? 2.528 ? ? 
metalc10 metalc ? ? A CYS 14 SG ? ? ? 1_555 D CD . CD ? ? A CYS 44 A CD 106 1_555 ? ? ? ? ? ? ? 2.497 ? ? 
metalc11 metalc ? ? A CYS 18 SG ? ? ? 1_555 C CD . CD ? ? A CYS 48 A CD 105 1_555 ? ? ? ? ? ? ? 2.505 ? ? 
metalc12 metalc ? ? A CYS 20 SG ? ? ? 1_555 B CD . CD ? ? A CYS 50 A CD 101 1_555 ? ? ? ? ? ? ? 2.560 ? ? 
metalc13 metalc ? ? A CYS 20 SG ? ? ? 1_555 E CD . CD ? ? A CYS 50 A CD 107 1_555 ? ? ? ? ? ? ? 2.654 ? ? 
metalc14 metalc ? ? A CYS 27 SG ? ? ? 1_555 B CD . CD ? ? A CYS 57 A CD 101 1_555 ? ? ? ? ? ? ? 2.503 ? ? 
metalc15 metalc ? ? A CYS 29 SG ? ? ? 1_555 B CD . CD ? ? A CYS 59 A CD 101 1_555 ? ? ? ? ? ? ? 2.527 ? ? 
metalc16 metalc ? ? A CYS 30 SG ? ? ? 1_555 B CD . CD ? ? A CYS 60 A CD 101 1_555 ? ? ? ? ? ? ? 2.596 ? ? 
metalc17 metalc ? ? A CYS 30 N  ? ? ? 1_555 B CD . CD ? ? A CYS 60 A CD 101 1_555 ? ? ? ? ? ? ? 3.108 ? ? 
metalc18 metalc ? ? A CYS 30 SG ? ? ? 1_555 D CD . CD ? ? A CYS 60 A CD 106 1_555 ? ? ? ? ? ? ? 2.495 ? ? 
# 
_struct_conn_type.id          metalc 
_struct_conn_type.criteria    ? 
_struct_conn_type.reference   ? 
# 
loop_
_pdbx_struct_conn_angle.id 
_pdbx_struct_conn_angle.ptnr1_label_atom_id 
_pdbx_struct_conn_angle.ptnr1_label_alt_id 
_pdbx_struct_conn_angle.ptnr1_label_asym_id 
_pdbx_struct_conn_angle.ptnr1_label_comp_id 
_pdbx_struct_conn_angle.ptnr1_label_seq_id 
_pdbx_struct_conn_angle.ptnr1_auth_atom_id 
_pdbx_struct_conn_angle.ptnr1_auth_asym_id 
_pdbx_struct_conn_angle.ptnr1_auth_comp_id 
_pdbx_struct_conn_angle.ptnr1_auth_seq_id 
_pdbx_struct_conn_angle.ptnr1_PDB_ins_code 
_pdbx_struct_conn_angle.ptnr1_symmetry 
_pdbx_struct_conn_angle.ptnr2_label_atom_id 
_pdbx_struct_conn_angle.ptnr2_label_alt_id 
_pdbx_struct_conn_angle.ptnr2_label_asym_id 
_pdbx_struct_conn_angle.ptnr2_label_comp_id 
_pdbx_struct_conn_angle.ptnr2_label_seq_id 
_pdbx_struct_conn_angle.ptnr2_auth_atom_id 
_pdbx_struct_conn_angle.ptnr2_auth_asym_id 
_pdbx_struct_conn_angle.ptnr2_auth_comp_id 
_pdbx_struct_conn_angle.ptnr2_auth_seq_id 
_pdbx_struct_conn_angle.ptnr2_PDB_ins_code 
_pdbx_struct_conn_angle.ptnr2_symmetry 
_pdbx_struct_conn_angle.ptnr3_label_atom_id 
_pdbx_struct_conn_angle.ptnr3_label_alt_id 
_pdbx_struct_conn_angle.ptnr3_label_asym_id 
_pdbx_struct_conn_angle.ptnr3_label_comp_id 
_pdbx_struct_conn_angle.ptnr3_label_seq_id 
_pdbx_struct_conn_angle.ptnr3_auth_atom_id 
_pdbx_struct_conn_angle.ptnr3_auth_asym_id 
_pdbx_struct_conn_angle.ptnr3_auth_comp_id 
_pdbx_struct_conn_angle.ptnr3_auth_seq_id 
_pdbx_struct_conn_angle.ptnr3_PDB_ins_code 
_pdbx_struct_conn_angle.ptnr3_symmetry 
_pdbx_struct_conn_angle.value 
_pdbx_struct_conn_angle.value_esd 
1  SG ? A CYS 3  ? A CYS 33 ? 1_555 CD ? C CD . ? A CD 105 ? 1_555 SG ? A CYS 4  ? A CYS 34 ? 1_555 125.2 ? 
2  SG ? A CYS 3  ? A CYS 33 ? 1_555 CD ? C CD . ? A CD 105 ? 1_555 SG ? A CYS 14 ? A CYS 44 ? 1_555 105.2 ? 
3  SG ? A CYS 4  ? A CYS 34 ? 1_555 CD ? C CD . ? A CD 105 ? 1_555 SG ? A CYS 14 ? A CYS 44 ? 1_555 101.4 ? 
4  SG ? A CYS 3  ? A CYS 33 ? 1_555 CD ? C CD . ? A CD 105 ? 1_555 SG ? A CYS 18 ? A CYS 48 ? 1_555 88.8  ? 
5  SG ? A CYS 4  ? A CYS 34 ? 1_555 CD ? C CD . ? A CD 105 ? 1_555 SG ? A CYS 18 ? A CYS 48 ? 1_555 111.2 ? 
6  SG ? A CYS 14 ? A CYS 44 ? 1_555 CD ? C CD . ? A CD 105 ? 1_555 SG ? A CYS 18 ? A CYS 48 ? 1_555 127.2 ? 
7  SG ? A CYS 4  ? A CYS 34 ? 1_555 CD ? E CD . ? A CD 107 ? 1_555 SG ? A CYS 6  ? A CYS 36 ? 1_555 116.0 ? 
8  SG ? A CYS 4  ? A CYS 34 ? 1_555 CD ? E CD . ? A CD 107 ? 1_555 SG ? A CYS 7  ? A CYS 37 ? 1_555 95.4  ? 
9  SG ? A CYS 6  ? A CYS 36 ? 1_555 CD ? E CD . ? A CD 107 ? 1_555 SG ? A CYS 7  ? A CYS 37 ? 1_555 126.8 ? 
10 SG ? A CYS 4  ? A CYS 34 ? 1_555 CD ? E CD . ? A CD 107 ? 1_555 N  ? A CYS 7  ? A CYS 37 ? 1_555 68.8  ? 
11 SG ? A CYS 6  ? A CYS 36 ? 1_555 CD ? E CD . ? A CD 107 ? 1_555 N  ? A CYS 7  ? A CYS 37 ? 1_555 87.8  ? 
12 SG ? A CYS 7  ? A CYS 37 ? 1_555 CD ? E CD . ? A CD 107 ? 1_555 N  ? A CYS 7  ? A CYS 37 ? 1_555 63.9  ? 
13 SG ? A CYS 4  ? A CYS 34 ? 1_555 CD ? E CD . ? A CD 107 ? 1_555 SG ? A CYS 20 ? A CYS 50 ? 1_555 127.4 ? 
14 SG ? A CYS 6  ? A CYS 36 ? 1_555 CD ? E CD . ? A CD 107 ? 1_555 SG ? A CYS 20 ? A CYS 50 ? 1_555 94.0  ? 
15 SG ? A CYS 7  ? A CYS 37 ? 1_555 CD ? E CD . ? A CD 107 ? 1_555 SG ? A CYS 20 ? A CYS 50 ? 1_555 99.4  ? 
16 N  ? A CYS 7  ? A CYS 37 ? 1_555 CD ? E CD . ? A CD 107 ? 1_555 SG ? A CYS 20 ? A CYS 50 ? 1_555 159.5 ? 
17 SG ? A CYS 7  ? A CYS 37 ? 1_555 CD ? D CD . ? A CD 106 ? 1_555 SG ? A CYS 11 ? A CYS 41 ? 1_555 101.3 ? 
18 SG ? A CYS 7  ? A CYS 37 ? 1_555 CD ? D CD . ? A CD 106 ? 1_555 SG ? A CYS 14 ? A CYS 44 ? 1_555 116.3 ? 
19 SG ? A CYS 11 ? A CYS 41 ? 1_555 CD ? D CD . ? A CD 106 ? 1_555 SG ? A CYS 14 ? A CYS 44 ? 1_555 113.7 ? 
20 SG ? A CYS 7  ? A CYS 37 ? 1_555 CD ? D CD . ? A CD 106 ? 1_555 SG ? A CYS 30 ? A CYS 60 ? 1_555 93.1  ? 
21 SG ? A CYS 11 ? A CYS 41 ? 1_555 CD ? D CD . ? A CD 106 ? 1_555 SG ? A CYS 30 ? A CYS 60 ? 1_555 101.3 ? 
22 SG ? A CYS 14 ? A CYS 44 ? 1_555 CD ? D CD . ? A CD 106 ? 1_555 SG ? A CYS 30 ? A CYS 60 ? 1_555 126.7 ? 
23 SG ? A CYS 20 ? A CYS 50 ? 1_555 CD ? B CD . ? A CD 101 ? 1_555 SG ? A CYS 27 ? A CYS 57 ? 1_555 108.2 ? 
24 SG ? A CYS 20 ? A CYS 50 ? 1_555 CD ? B CD . ? A CD 101 ? 1_555 SG ? A CYS 29 ? A CYS 59 ? 1_555 98.3  ? 
25 SG ? A CYS 27 ? A CYS 57 ? 1_555 CD ? B CD . ? A CD 101 ? 1_555 SG ? A CYS 29 ? A CYS 59 ? 1_555 108.5 ? 
26 SG ? A CYS 20 ? A CYS 50 ? 1_555 CD ? B CD . ? A CD 101 ? 1_555 SG ? A CYS 30 ? A CYS 60 ? 1_555 103.9 ? 
27 SG ? A CYS 27 ? A CYS 57 ? 1_555 CD ? B CD . ? A CD 101 ? 1_555 SG ? A CYS 30 ? A CYS 60 ? 1_555 109.9 ? 
28 SG ? A CYS 29 ? A CYS 59 ? 1_555 CD ? B CD . ? A CD 101 ? 1_555 SG ? A CYS 30 ? A CYS 60 ? 1_555 126.1 ? 
29 SG ? A CYS 20 ? A CYS 50 ? 1_555 CD ? B CD . ? A CD 101 ? 1_555 N  ? A CYS 30 ? A CYS 60 ? 1_555 167.1 ? 
30 SG ? A CYS 27 ? A CYS 57 ? 1_555 CD ? B CD . ? A CD 101 ? 1_555 N  ? A CYS 30 ? A CYS 60 ? 1_555 72.5  ? 
31 SG ? A CYS 29 ? A CYS 59 ? 1_555 CD ? B CD . ? A CD 101 ? 1_555 N  ? A CYS 30 ? A CYS 60 ? 1_555 93.5  ? 
32 SG ? A CYS 30 ? A CYS 60 ? 1_555 CD ? B CD . ? A CD 101 ? 1_555 N  ? A CYS 30 ? A CYS 60 ? 1_555 64.6  ? 
# 
loop_
_struct_site.id 
_struct_site.pdbx_evidence_code 
_struct_site.pdbx_auth_asym_id 
_struct_site.pdbx_auth_comp_id 
_struct_site.pdbx_auth_seq_id 
_struct_site.pdbx_auth_ins_code 
_struct_site.pdbx_num_residues 
_struct_site.details 
CD1 Unknown  ? ?  ?   ? 4 ?                                   
CD5 Unknown  ? ?  ?   ? 4 ?                                   
CD6 Unknown  ? ?  ?   ? 4 ?                                   
CD7 Unknown  ? ?  ?   ? 4 ?                                   
AC1 Software A CD 101 ? 4 'BINDING SITE FOR RESIDUE CD A 101' 
AC2 Software A CD 105 ? 4 'BINDING SITE FOR RESIDUE CD A 105' 
AC3 Software A CD 106 ? 5 'BINDING SITE FOR RESIDUE CD A 106' 
AC4 Software A CD 107 ? 4 'BINDING SITE FOR RESIDUE CD A 107' 
# 
loop_
_struct_site_gen.id 
_struct_site_gen.site_id 
_struct_site_gen.pdbx_num_res 
_struct_site_gen.label_comp_id 
_struct_site_gen.label_asym_id 
_struct_site_gen.label_seq_id 
_struct_site_gen.pdbx_auth_ins_code 
_struct_site_gen.auth_comp_id 
_struct_site_gen.auth_asym_id 
_struct_site_gen.auth_seq_id 
_struct_site_gen.label_atom_id 
_struct_site_gen.label_alt_id 
_struct_site_gen.symmetry 
_struct_site_gen.details 
1  CD1 4 CYS A 20 ? CYS A 50 . ? 1_555 ? 
2  CD1 4 CYS A 27 ? CYS A 57 . ? 1_555 ? 
3  CD1 4 CYS A 29 ? CYS A 59 . ? 1_555 ? 
4  CD1 4 CYS A 30 ? CYS A 60 . ? 1_555 ? 
5  CD5 4 CYS A 3  ? CYS A 33 . ? 1_555 ? 
6  CD5 4 CYS A 4  ? CYS A 34 . ? 1_555 ? 
7  CD5 4 CYS A 14 ? CYS A 44 . ? 1_555 ? 
8  CD5 4 CYS A 18 ? CYS A 48 . ? 1_555 ? 
9  CD6 4 CYS A 7  ? CYS A 37 . ? 1_555 ? 
10 CD6 4 CYS A 11 ? CYS A 41 . ? 1_555 ? 
11 CD6 4 CYS A 14 ? CYS A 44 . ? 1_555 ? 
12 CD6 4 CYS A 30 ? CYS A 60 . ? 1_555 ? 
13 CD7 4 CYS A 4  ? CYS A 34 . ? 1_555 ? 
14 CD7 4 CYS A 6  ? CYS A 36 . ? 1_555 ? 
15 CD7 4 CYS A 7  ? CYS A 37 . ? 1_555 ? 
16 CD7 4 CYS A 20 ? CYS A 50 . ? 1_555 ? 
17 AC1 4 CYS A 20 ? CYS A 50 . ? 1_555 ? 
18 AC1 4 CYS A 27 ? CYS A 57 . ? 1_555 ? 
19 AC1 4 CYS A 29 ? CYS A 59 . ? 1_555 ? 
20 AC1 4 CYS A 30 ? CYS A 60 . ? 1_555 ? 
21 AC2 4 CYS A 3  ? CYS A 33 . ? 1_555 ? 
22 AC2 4 CYS A 4  ? CYS A 34 . ? 1_555 ? 
23 AC2 4 CYS A 14 ? CYS A 44 . ? 1_555 ? 
24 AC2 4 CYS A 18 ? CYS A 48 . ? 1_555 ? 
25 AC3 5 CYS A 7  ? CYS A 37 . ? 1_555 ? 
26 AC3 5 CYS A 11 ? CYS A 41 . ? 1_555 ? 
27 AC3 5 CYS A 14 ? CYS A 44 . ? 1_555 ? 
28 AC3 5 CYS A 20 ? CYS A 50 . ? 1_555 ? 
29 AC3 5 CYS A 30 ? CYS A 60 . ? 1_555 ? 
30 AC4 4 CYS A 4  ? CYS A 34 . ? 1_555 ? 
31 AC4 4 CYS A 6  ? CYS A 36 . ? 1_555 ? 
32 AC4 4 CYS A 7  ? CYS A 37 . ? 1_555 ? 
33 AC4 4 CYS A 20 ? CYS A 50 . ? 1_555 ? 
# 
_pdbx_validate_close_contact.id               1 
_pdbx_validate_close_contact.PDB_model_num    1 
_pdbx_validate_close_contact.auth_atom_id_1   O 
_pdbx_validate_close_contact.auth_asym_id_1   A 
_pdbx_validate_close_contact.auth_comp_id_1   ALA 
_pdbx_validate_close_contact.auth_seq_id_1    42 
_pdbx_validate_close_contact.PDB_ins_code_1   ? 
_pdbx_validate_close_contact.label_alt_id_1   ? 
_pdbx_validate_close_contact.auth_atom_id_2   H 
_pdbx_validate_close_contact.auth_asym_id_2   A 
_pdbx_validate_close_contact.auth_comp_id_2   SER 
_pdbx_validate_close_contact.auth_seq_id_2    45 
_pdbx_validate_close_contact.PDB_ins_code_2   ? 
_pdbx_validate_close_contact.label_alt_id_2   ? 
_pdbx_validate_close_contact.dist             1.57 
# 
loop_
_pdbx_validate_torsion.id 
_pdbx_validate_torsion.PDB_model_num 
_pdbx_validate_torsion.auth_comp_id 
_pdbx_validate_torsion.auth_asym_id 
_pdbx_validate_torsion.auth_seq_id 
_pdbx_validate_torsion.PDB_ins_code 
_pdbx_validate_torsion.label_alt_id 
_pdbx_validate_torsion.phi 
_pdbx_validate_torsion.psi 
1  1 CYS A 33 ? ? -144.78 -48.35 
2  1 VAL A 39 ? ? 179.68  62.99  
3  1 CYS A 41 ? ? -37.60  153.87 
4  1 SER A 45 ? ? -38.13  -78.15 
5  1 CYS A 48 ? ? -57.17  81.67  
6  1 GLU A 52 ? ? 179.09  102.14 
7  1 ALA A 53 ? ? 169.22  89.25  
8  1 SER A 54 ? ? -88.32  36.06  
9  1 ASP A 55 ? ? 148.96  -13.85 
10 1 LYS A 56 ? ? -170.48 148.04 
11 1 CYS A 60 ? ? -134.38 -91.96 
# 
_pdbx_nmr_ensemble.entry_id                             1MRT 
_pdbx_nmr_ensemble.conformers_calculated_total_number   ? 
_pdbx_nmr_ensemble.conformers_submitted_total_number    1 
_pdbx_nmr_ensemble.conformer_selection_criteria         ? 
# 
loop_
_chem_comp_atom.comp_id 
_chem_comp_atom.atom_id 
_chem_comp_atom.type_symbol 
_chem_comp_atom.pdbx_aromatic_flag 
_chem_comp_atom.pdbx_stereo_config 
_chem_comp_atom.pdbx_ordinal 
ALA N    N  N N 1   
ALA CA   C  N S 2   
ALA C    C  N N 3   
ALA O    O  N N 4   
ALA CB   C  N N 5   
ALA OXT  O  N N 6   
ALA H    H  N N 7   
ALA H2   H  N N 8   
ALA HA   H  N N 9   
ALA HB1  H  N N 10  
ALA HB2  H  N N 11  
ALA HB3  H  N N 12  
ALA HXT  H  N N 13  
ASP N    N  N N 14  
ASP CA   C  N S 15  
ASP C    C  N N 16  
ASP O    O  N N 17  
ASP CB   C  N N 18  
ASP CG   C  N N 19  
ASP OD1  O  N N 20  
ASP OD2  O  N N 21  
ASP OXT  O  N N 22  
ASP H    H  N N 23  
ASP H2   H  N N 24  
ASP HA   H  N N 25  
ASP HB2  H  N N 26  
ASP HB3  H  N N 27  
ASP HD2  H  N N 28  
ASP HXT  H  N N 29  
CD  CD   CD N N 30  
CYS N    N  N N 31  
CYS CA   C  N R 32  
CYS C    C  N N 33  
CYS O    O  N N 34  
CYS CB   C  N N 35  
CYS SG   S  N N 36  
CYS OXT  O  N N 37  
CYS H    H  N N 38  
CYS H2   H  N N 39  
CYS HA   H  N N 40  
CYS HB2  H  N N 41  
CYS HB3  H  N N 42  
CYS HG   H  N N 43  
CYS HXT  H  N N 44  
GLN N    N  N N 45  
GLN CA   C  N S 46  
GLN C    C  N N 47  
GLN O    O  N N 48  
GLN CB   C  N N 49  
GLN CG   C  N N 50  
GLN CD   C  N N 51  
GLN OE1  O  N N 52  
GLN NE2  N  N N 53  
GLN OXT  O  N N 54  
GLN H    H  N N 55  
GLN H2   H  N N 56  
GLN HA   H  N N 57  
GLN HB2  H  N N 58  
GLN HB3  H  N N 59  
GLN HG2  H  N N 60  
GLN HG3  H  N N 61  
GLN HE21 H  N N 62  
GLN HE22 H  N N 63  
GLN HXT  H  N N 64  
GLU N    N  N N 65  
GLU CA   C  N S 66  
GLU C    C  N N 67  
GLU O    O  N N 68  
GLU CB   C  N N 69  
GLU CG   C  N N 70  
GLU CD   C  N N 71  
GLU OE1  O  N N 72  
GLU OE2  O  N N 73  
GLU OXT  O  N N 74  
GLU H    H  N N 75  
GLU H2   H  N N 76  
GLU HA   H  N N 77  
GLU HB2  H  N N 78  
GLU HB3  H  N N 79  
GLU HG2  H  N N 80  
GLU HG3  H  N N 81  
GLU HE2  H  N N 82  
GLU HXT  H  N N 83  
GLY N    N  N N 84  
GLY CA   C  N N 85  
GLY C    C  N N 86  
GLY O    O  N N 87  
GLY OXT  O  N N 88  
GLY H    H  N N 89  
GLY H2   H  N N 90  
GLY HA2  H  N N 91  
GLY HA3  H  N N 92  
GLY HXT  H  N N 93  
ILE N    N  N N 94  
ILE CA   C  N S 95  
ILE C    C  N N 96  
ILE O    O  N N 97  
ILE CB   C  N S 98  
ILE CG1  C  N N 99  
ILE CG2  C  N N 100 
ILE CD1  C  N N 101 
ILE OXT  O  N N 102 
ILE H    H  N N 103 
ILE H2   H  N N 104 
ILE HA   H  N N 105 
ILE HB   H  N N 106 
ILE HG12 H  N N 107 
ILE HG13 H  N N 108 
ILE HG21 H  N N 109 
ILE HG22 H  N N 110 
ILE HG23 H  N N 111 
ILE HD11 H  N N 112 
ILE HD12 H  N N 113 
ILE HD13 H  N N 114 
ILE HXT  H  N N 115 
LYS N    N  N N 116 
LYS CA   C  N S 117 
LYS C    C  N N 118 
LYS O    O  N N 119 
LYS CB   C  N N 120 
LYS CG   C  N N 121 
LYS CD   C  N N 122 
LYS CE   C  N N 123 
LYS NZ   N  N N 124 
LYS OXT  O  N N 125 
LYS H    H  N N 126 
LYS H2   H  N N 127 
LYS HA   H  N N 128 
LYS HB2  H  N N 129 
LYS HB3  H  N N 130 
LYS HG2  H  N N 131 
LYS HG3  H  N N 132 
LYS HD2  H  N N 133 
LYS HD3  H  N N 134 
LYS HE2  H  N N 135 
LYS HE3  H  N N 136 
LYS HZ1  H  N N 137 
LYS HZ2  H  N N 138 
LYS HZ3  H  N N 139 
LYS HXT  H  N N 140 
PRO N    N  N N 141 
PRO CA   C  N S 142 
PRO C    C  N N 143 
PRO O    O  N N 144 
PRO CB   C  N N 145 
PRO CG   C  N N 146 
PRO CD   C  N N 147 
PRO OXT  O  N N 148 
PRO H    H  N N 149 
PRO HA   H  N N 150 
PRO HB2  H  N N 151 
PRO HB3  H  N N 152 
PRO HG2  H  N N 153 
PRO HG3  H  N N 154 
PRO HD2  H  N N 155 
PRO HD3  H  N N 156 
PRO HXT  H  N N 157 
SER N    N  N N 158 
SER CA   C  N S 159 
SER C    C  N N 160 
SER O    O  N N 161 
SER CB   C  N N 162 
SER OG   O  N N 163 
SER OXT  O  N N 164 
SER H    H  N N 165 
SER H2   H  N N 166 
SER HA   H  N N 167 
SER HB2  H  N N 168 
SER HB3  H  N N 169 
SER HG   H  N N 170 
SER HXT  H  N N 171 
VAL N    N  N N 172 
VAL CA   C  N S 173 
VAL C    C  N N 174 
VAL O    O  N N 175 
VAL CB   C  N N 176 
VAL CG1  C  N N 177 
VAL CG2  C  N N 178 
VAL OXT  O  N N 179 
VAL H    H  N N 180 
VAL H2   H  N N 181 
VAL HA   H  N N 182 
VAL HB   H  N N 183 
VAL HG11 H  N N 184 
VAL HG12 H  N N 185 
VAL HG13 H  N N 186 
VAL HG21 H  N N 187 
VAL HG22 H  N N 188 
VAL HG23 H  N N 189 
VAL HXT  H  N N 190 
# 
loop_
_chem_comp_bond.comp_id 
_chem_comp_bond.atom_id_1 
_chem_comp_bond.atom_id_2 
_chem_comp_bond.value_order 
_chem_comp_bond.pdbx_aromatic_flag 
_chem_comp_bond.pdbx_stereo_config 
_chem_comp_bond.pdbx_ordinal 
ALA N   CA   sing N N 1   
ALA N   H    sing N N 2   
ALA N   H2   sing N N 3   
ALA CA  C    sing N N 4   
ALA CA  CB   sing N N 5   
ALA CA  HA   sing N N 6   
ALA C   O    doub N N 7   
ALA C   OXT  sing N N 8   
ALA CB  HB1  sing N N 9   
ALA CB  HB2  sing N N 10  
ALA CB  HB3  sing N N 11  
ALA OXT HXT  sing N N 12  
ASP N   CA   sing N N 13  
ASP N   H    sing N N 14  
ASP N   H2   sing N N 15  
ASP CA  C    sing N N 16  
ASP CA  CB   sing N N 17  
ASP CA  HA   sing N N 18  
ASP C   O    doub N N 19  
ASP C   OXT  sing N N 20  
ASP CB  CG   sing N N 21  
ASP CB  HB2  sing N N 22  
ASP CB  HB3  sing N N 23  
ASP CG  OD1  doub N N 24  
ASP CG  OD2  sing N N 25  
ASP OD2 HD2  sing N N 26  
ASP OXT HXT  sing N N 27  
CYS N   CA   sing N N 28  
CYS N   H    sing N N 29  
CYS N   H2   sing N N 30  
CYS CA  C    sing N N 31  
CYS CA  CB   sing N N 32  
CYS CA  HA   sing N N 33  
CYS C   O    doub N N 34  
CYS C   OXT  sing N N 35  
CYS CB  SG   sing N N 36  
CYS CB  HB2  sing N N 37  
CYS CB  HB3  sing N N 38  
CYS SG  HG   sing N N 39  
CYS OXT HXT  sing N N 40  
GLN N   CA   sing N N 41  
GLN N   H    sing N N 42  
GLN N   H2   sing N N 43  
GLN CA  C    sing N N 44  
GLN CA  CB   sing N N 45  
GLN CA  HA   sing N N 46  
GLN C   O    doub N N 47  
GLN C   OXT  sing N N 48  
GLN CB  CG   sing N N 49  
GLN CB  HB2  sing N N 50  
GLN CB  HB3  sing N N 51  
GLN CG  CD   sing N N 52  
GLN CG  HG2  sing N N 53  
GLN CG  HG3  sing N N 54  
GLN CD  OE1  doub N N 55  
GLN CD  NE2  sing N N 56  
GLN NE2 HE21 sing N N 57  
GLN NE2 HE22 sing N N 58  
GLN OXT HXT  sing N N 59  
GLU N   CA   sing N N 60  
GLU N   H    sing N N 61  
GLU N   H2   sing N N 62  
GLU CA  C    sing N N 63  
GLU CA  CB   sing N N 64  
GLU CA  HA   sing N N 65  
GLU C   O    doub N N 66  
GLU C   OXT  sing N N 67  
GLU CB  CG   sing N N 68  
GLU CB  HB2  sing N N 69  
GLU CB  HB3  sing N N 70  
GLU CG  CD   sing N N 71  
GLU CG  HG2  sing N N 72  
GLU CG  HG3  sing N N 73  
GLU CD  OE1  doub N N 74  
GLU CD  OE2  sing N N 75  
GLU OE2 HE2  sing N N 76  
GLU OXT HXT  sing N N 77  
GLY N   CA   sing N N 78  
GLY N   H    sing N N 79  
GLY N   H2   sing N N 80  
GLY CA  C    sing N N 81  
GLY CA  HA2  sing N N 82  
GLY CA  HA3  sing N N 83  
GLY C   O    doub N N 84  
GLY C   OXT  sing N N 85  
GLY OXT HXT  sing N N 86  
ILE N   CA   sing N N 87  
ILE N   H    sing N N 88  
ILE N   H2   sing N N 89  
ILE CA  C    sing N N 90  
ILE CA  CB   sing N N 91  
ILE CA  HA   sing N N 92  
ILE C   O    doub N N 93  
ILE C   OXT  sing N N 94  
ILE CB  CG1  sing N N 95  
ILE CB  CG2  sing N N 96  
ILE CB  HB   sing N N 97  
ILE CG1 CD1  sing N N 98  
ILE CG1 HG12 sing N N 99  
ILE CG1 HG13 sing N N 100 
ILE CG2 HG21 sing N N 101 
ILE CG2 HG22 sing N N 102 
ILE CG2 HG23 sing N N 103 
ILE CD1 HD11 sing N N 104 
ILE CD1 HD12 sing N N 105 
ILE CD1 HD13 sing N N 106 
ILE OXT HXT  sing N N 107 
LYS N   CA   sing N N 108 
LYS N   H    sing N N 109 
LYS N   H2   sing N N 110 
LYS CA  C    sing N N 111 
LYS CA  CB   sing N N 112 
LYS CA  HA   sing N N 113 
LYS C   O    doub N N 114 
LYS C   OXT  sing N N 115 
LYS CB  CG   sing N N 116 
LYS CB  HB2  sing N N 117 
LYS CB  HB3  sing N N 118 
LYS CG  CD   sing N N 119 
LYS CG  HG2  sing N N 120 
LYS CG  HG3  sing N N 121 
LYS CD  CE   sing N N 122 
LYS CD  HD2  sing N N 123 
LYS CD  HD3  sing N N 124 
LYS CE  NZ   sing N N 125 
LYS CE  HE2  sing N N 126 
LYS CE  HE3  sing N N 127 
LYS NZ  HZ1  sing N N 128 
LYS NZ  HZ2  sing N N 129 
LYS NZ  HZ3  sing N N 130 
LYS OXT HXT  sing N N 131 
PRO N   CA   sing N N 132 
PRO N   CD   sing N N 133 
PRO N   H    sing N N 134 
PRO CA  C    sing N N 135 
PRO CA  CB   sing N N 136 
PRO CA  HA   sing N N 137 
PRO C   O    doub N N 138 
PRO C   OXT  sing N N 139 
PRO CB  CG   sing N N 140 
PRO CB  HB2  sing N N 141 
PRO CB  HB3  sing N N 142 
PRO CG  CD   sing N N 143 
PRO CG  HG2  sing N N 144 
PRO CG  HG3  sing N N 145 
PRO CD  HD2  sing N N 146 
PRO CD  HD3  sing N N 147 
PRO OXT HXT  sing N N 148 
SER N   CA   sing N N 149 
SER N   H    sing N N 150 
SER N   H2   sing N N 151 
SER CA  C    sing N N 152 
SER CA  CB   sing N N 153 
SER CA  HA   sing N N 154 
SER C   O    doub N N 155 
SER C   OXT  sing N N 156 
SER CB  OG   sing N N 157 
SER CB  HB2  sing N N 158 
SER CB  HB3  sing N N 159 
SER OG  HG   sing N N 160 
SER OXT HXT  sing N N 161 
VAL N   CA   sing N N 162 
VAL N   H    sing N N 163 
VAL N   H2   sing N N 164 
VAL CA  C    sing N N 165 
VAL CA  CB   sing N N 166 
VAL CA  HA   sing N N 167 
VAL C   O    doub N N 168 
VAL C   OXT  sing N N 169 
VAL CB  CG1  sing N N 170 
VAL CB  CG2  sing N N 171 
VAL CB  HB   sing N N 172 
VAL CG1 HG11 sing N N 173 
VAL CG1 HG12 sing N N 174 
VAL CG1 HG13 sing N N 175 
VAL CG2 HG21 sing N N 176 
VAL CG2 HG22 sing N N 177 
VAL CG2 HG23 sing N N 178 
VAL OXT HXT  sing N N 179 
# 
_atom_sites.entry_id                    1MRT 
_atom_sites.fract_transf_matrix[1][1]   1.000000 
_atom_sites.fract_transf_matrix[1][2]   0.000000 
_atom_sites.fract_transf_matrix[1][3]   0.000000 
_atom_sites.fract_transf_matrix[2][1]   0.000000 
_atom_sites.fract_transf_matrix[2][2]   1.000000 
_atom_sites.fract_transf_matrix[2][3]   0.000000 
_atom_sites.fract_transf_matrix[3][1]   0.000000 
_atom_sites.fract_transf_matrix[3][2]   0.000000 
_atom_sites.fract_transf_matrix[3][3]   1.000000 
_atom_sites.fract_transf_vector[1]      0.00000 
_atom_sites.fract_transf_vector[2]      0.00000 
_atom_sites.fract_transf_vector[3]      0.00000 
# 
_atom_sites_footnote.id     1 
_atom_sites_footnote.text   
'THE FOUR CADMIUM ATOMS AND THE ELEVEN SULPHUR ATOMS TO WHIC THEY ARE BONDED FORM A CD4 S11 METAL CLUSTER.' 
# 
loop_
_atom_type.symbol 
C  
CD 
H  
N  
O  
S  
# 
loop_
_atom_site.group_PDB 
_atom_site.id 
_atom_site.type_symbol 
_atom_site.label_atom_id 
_atom_site.label_alt_id 
_atom_site.label_comp_id 
_atom_site.label_asym_id 
_atom_site.label_entity_id 
_atom_site.label_seq_id 
_atom_site.pdbx_PDB_ins_code 
_atom_site.Cartn_x 
_atom_site.Cartn_y 
_atom_site.Cartn_z 
_atom_site.occupancy 
_atom_site.B_iso_or_equiv 
_atom_site.pdbx_formal_charge 
_atom_site.auth_seq_id 
_atom_site.auth_comp_id 
_atom_site.auth_asym_id 
_atom_site.auth_atom_id 
_atom_site.pdbx_PDB_model_num 
ATOM   1   N  N   . LYS A 1 1  ? 8.020  -4.074  -6.198  1.00 6.15  ? 31  LYS A N   1 
ATOM   2   C  CA  . LYS A 1 1  ? 6.648  -4.259  -5.755  1.00 4.95  ? 31  LYS A CA  1 
ATOM   3   C  C   . LYS A 1 1  ? 6.615  -5.300  -4.634  1.00 2.72  ? 31  LYS A C   1 
ATOM   4   O  O   . LYS A 1 1  ? 7.299  -6.321  -4.709  1.00 2.64  ? 31  LYS A O   1 
ATOM   5   C  CB  . LYS A 1 1  ? 5.744  -4.602  -6.940  1.00 5.93  ? 31  LYS A CB  1 
ATOM   6   C  CG  . LYS A 1 1  ? 5.858  -3.545  -8.041  1.00 7.38  ? 31  LYS A CG  1 
ATOM   7   C  CD  . LYS A 1 1  ? 4.674  -2.577  -7.995  1.00 8.69  ? 31  LYS A CD  1 
ATOM   8   C  CE  . LYS A 1 1  ? 4.134  -2.305  -9.400  1.00 10.32 ? 31  LYS A CE  1 
ATOM   9   N  NZ  . LYS A 1 1  ? 3.229  -3.396  -9.828  1.00 10.15 ? 31  LYS A NZ  1 
ATOM   10  H  H   . LYS A 1 1  ? 8.617  -3.918  -5.393  1.00 5.83  ? 31  LYS A H   1 
ATOM   11  H  HA  . LYS A 1 1  ? 6.304  -3.307  -5.352  1.00 5.73  ? 31  LYS A HA  1 
ATOM   12  N  N   . SER A 1 2  ? 5.814  -5.009  -3.621  1.00 2.40  ? 32  SER A N   1 
ATOM   13  C  CA  . SER A 1 2  ? 5.682  -5.906  -2.487  1.00 2.52  ? 32  SER A CA  1 
ATOM   14  C  C   . SER A 1 2  ? 4.209  -6.255  -2.264  1.00 2.16  ? 32  SER A C   1 
ATOM   15  O  O   . SER A 1 2  ? 3.876  -7.405  -1.980  1.00 3.02  ? 32  SER A O   1 
ATOM   16  C  CB  . SER A 1 2  ? 6.279  -5.287  -1.222  1.00 5.00  ? 32  SER A CB  1 
ATOM   17  O  OG  . SER A 1 2  ? 6.812  -6.275  -0.344  1.00 6.58  ? 32  SER A OG  1 
ATOM   18  H  H   . SER A 1 2  ? 5.261  -4.177  -3.567  1.00 3.54  ? 32  SER A H   1 
ATOM   19  H  HA  . SER A 1 2  ? 6.249  -6.797  -2.758  1.00 2.70  ? 32  SER A HA  1 
ATOM   20  N  N   . CYS A 1 3  ? 3.366  -5.242  -2.401  1.00 1.15  ? 33  CYS A N   1 
ATOM   21  C  CA  . CYS A 1 3  ? 1.937  -5.428  -2.217  1.00 0.95  ? 33  CYS A CA  1 
ATOM   22  C  C   . CYS A 1 3  ? 1.204  -4.517  -3.204  1.00 0.98  ? 33  CYS A C   1 
ATOM   23  O  O   . CYS A 1 3  ? 0.293  -4.958  -3.903  1.00 1.64  ? 33  CYS A O   1 
ATOM   24  C  CB  . CYS A 1 3  ? 1.513  -5.160  -0.771  1.00 1.09  ? 33  CYS A CB  1 
ATOM   25  S  SG  . CYS A 1 3  ? -0.266 -5.425  -0.433  1.00 2.35  ? 33  CYS A SG  1 
ATOM   26  H  H   . CYS A 1 3  ? 3.645  -4.310  -2.632  1.00 1.06  ? 33  CYS A H   1 
ATOM   27  H  HA  . CYS A 1 3  ? 1.728  -6.476  -2.429  1.00 1.21  ? 33  CYS A HA  1 
ATOM   28  N  N   . CYS A 1 4  ? 1.629  -3.262  -3.230  1.00 1.00  ? 34  CYS A N   1 
ATOM   29  C  CA  . CYS A 1 4  ? 1.024  -2.286  -4.120  1.00 0.97  ? 34  CYS A CA  1 
ATOM   30  C  C   . CYS A 1 4  ? 2.140  -1.422  -4.715  1.00 1.24  ? 34  CYS A C   1 
ATOM   31  O  O   . CYS A 1 4  ? 3.320  -1.693  -4.500  1.00 2.59  ? 34  CYS A O   1 
ATOM   32  C  CB  . CYS A 1 4  ? -0.029 -1.442  -3.401  1.00 0.76  ? 34  CYS A CB  1 
ATOM   33  S  SG  . CYS A 1 4  ? 0.299  -1.153  -1.625  1.00 0.93  ? 34  CYS A SG  1 
ATOM   34  H  H   . CYS A 1 4  ? 2.371  -2.911  -2.659  1.00 1.52  ? 34  CYS A H   1 
ATOM   35  H  HA  . CYS A 1 4  ? 0.513  -2.848  -4.901  1.00 1.18  ? 34  CYS A HA  1 
ATOM   36  N  N   . SER A 1 5  ? 1.725  -0.401  -5.449  1.00 0.81  ? 35  SER A N   1 
ATOM   37  C  CA  . SER A 1 5  ? 2.673  0.504   -6.075  1.00 0.91  ? 35  SER A CA  1 
ATOM   38  C  C   . SER A 1 5  ? 2.901  1.726   -5.182  1.00 0.86  ? 35  SER A C   1 
ATOM   39  O  O   . SER A 1 5  ? 3.776  2.545   -5.456  1.00 1.12  ? 35  SER A O   1 
ATOM   40  C  CB  . SER A 1 5  ? 2.186  0.942   -7.458  1.00 1.23  ? 35  SER A CB  1 
ATOM   41  O  OG  . SER A 1 5  ? 1.867  -0.171  -8.288  1.00 2.18  ? 35  SER A OG  1 
ATOM   42  H  H   . SER A 1 5  ? 0.762  -0.188  -5.618  1.00 1.68  ? 35  SER A H   1 
ATOM   43  H  HA  . SER A 1 5  ? 3.594  -0.069  -6.180  1.00 0.93  ? 35  SER A HA  1 
ATOM   44  N  N   . CYS A 1 6  ? 2.097  1.809   -4.132  1.00 0.71  ? 36  CYS A N   1 
ATOM   45  C  CA  . CYS A 1 6  ? 2.199  2.915   -3.197  1.00 0.81  ? 36  CYS A CA  1 
ATOM   46  C  C   . CYS A 1 6  ? 2.789  2.386   -1.888  1.00 0.92  ? 36  CYS A C   1 
ATOM   47  O  O   . CYS A 1 6  ? 3.370  3.144   -1.113  1.00 1.22  ? 36  CYS A O   1 
ATOM   48  C  CB  . CYS A 1 6  ? 0.848  3.598   -2.978  1.00 0.75  ? 36  CYS A CB  1 
ATOM   49  S  SG  . CYS A 1 6  ? -0.608 2.563   -3.375  1.00 1.93  ? 36  CYS A SG  1 
ATOM   50  H  H   . CYS A 1 6  ? 1.388  1.137   -3.916  1.00 0.71  ? 36  CYS A H   1 
ATOM   51  H  HA  . CYS A 1 6  ? 2.864  3.650   -3.652  1.00 1.01  ? 36  CYS A HA  1 
ATOM   52  N  N   . CYS A 1 7  ? 2.620  1.088   -1.682  1.00 0.95  ? 37  CYS A N   1 
ATOM   53  C  CA  . CYS A 1 7  ? 3.130  0.448   -0.481  1.00 1.23  ? 37  CYS A CA  1 
ATOM   54  C  C   . CYS A 1 7  ? 3.801  -0.866  -0.884  1.00 1.39  ? 37  CYS A C   1 
ATOM   55  O  O   . CYS A 1 7  ? 3.506  -1.917  -0.319  1.00 2.07  ? 37  CYS A O   1 
ATOM   56  C  CB  . CYS A 1 7  ? 2.024  0.229   0.555   1.00 1.41  ? 37  CYS A CB  1 
ATOM   57  S  SG  . CYS A 1 7  ? 0.868  1.635   0.752   1.00 1.07  ? 37  CYS A SG  1 
ATOM   58  H  H   . CYS A 1 7  ? 2.147  0.477   -2.317  1.00 1.01  ? 37  CYS A H   1 
ATOM   59  H  HA  . CYS A 1 7  ? 3.853  1.135   -0.043  1.00 1.46  ? 37  CYS A HA  1 
ATOM   60  N  N   . PRO A 1 8  ? 4.715  -0.760  -1.886  1.00 1.91  ? 38  PRO A N   1 
ATOM   61  C  CA  . PRO A 1 8  ? 5.432  -1.927  -2.372  1.00 2.35  ? 38  PRO A CA  1 
ATOM   62  C  C   . PRO A 1 8  ? 6.516  -2.357  -1.380  1.00 1.53  ? 38  PRO A C   1 
ATOM   63  O  O   . PRO A 1 8  ? 7.706  -2.258  -1.674  1.00 2.85  ? 38  PRO A O   1 
ATOM   64  C  CB  . PRO A 1 8  ? 5.993  -1.511  -3.721  1.00 3.91  ? 38  PRO A CB  1 
ATOM   65  C  CG  . PRO A 1 8  ? 5.968  0.009   -3.732  1.00 4.29  ? 38  PRO A CG  1 
ATOM   66  C  CD  . PRO A 1 8  ? 5.091  0.469   -2.579  1.00 2.96  ? 38  PRO A CD  1 
ATOM   67  H  HA  . PRO A 1 8  ? 4.751  -2.773  -2.464  1.00 2.74  ? 38  PRO A HA  1 
ATOM   68  N  N   . VAL A 1 9  ? 6.065  -2.826  -0.226  1.00 1.24  ? 39  VAL A N   1 
ATOM   69  C  CA  . VAL A 1 9  ? 6.980  -3.272  0.811   1.00 1.53  ? 39  VAL A CA  1 
ATOM   70  C  C   . VAL A 1 9  ? 6.179  -3.750  2.023   1.00 1.56  ? 39  VAL A C   1 
ATOM   71  O  O   . VAL A 1 9  ? 6.282  -3.175  3.106   1.00 2.70  ? 39  VAL A O   1 
ATOM   72  C  CB  . VAL A 1 9  ? 7.970  -2.155  1.149   1.00 3.28  ? 39  VAL A CB  1 
ATOM   73  C  CG1 . VAL A 1 9  ? 9.307  -2.371  0.439   1.00 3.67  ? 39  VAL A CG1 1 
ATOM   74  C  CG2 . VAL A 1 9  ? 7.384  -0.782  0.811   1.00 5.03  ? 39  VAL A CG2 1 
ATOM   75  H  H   . VAL A 1 9  ? 5.095  -2.904  0.005   1.00 2.44  ? 39  VAL A H   1 
ATOM   76  H  HA  . VAL A 1 9  ? 7.546  -4.114  0.410   1.00 1.97  ? 39  VAL A HA  1 
ATOM   77  H  HB  . VAL A 1 9  ? 8.153  -2.185  2.225   1.00 4.23  ? 39  VAL A HB  1 
ATOM   78  N  N   . GLY A 1 10 ? 5.397  -4.796  1.801   1.00 1.61  ? 40  GLY A N   1 
ATOM   79  C  CA  . GLY A 1 10 ? 4.578  -5.357  2.861   1.00 2.45  ? 40  GLY A CA  1 
ATOM   80  C  C   . GLY A 1 10 ? 4.207  -4.289  3.892   1.00 2.07  ? 40  GLY A C   1 
ATOM   81  O  O   . GLY A 1 10 ? 4.259  -4.538  5.095   1.00 2.52  ? 40  GLY A O   1 
ATOM   82  H  H   . GLY A 1 10 ? 5.318  -5.258  0.917   1.00 2.08  ? 40  GLY A H   1 
ATOM   83  N  N   . CYS A 1 11 ? 3.843  -3.122  3.382   1.00 1.47  ? 41  CYS A N   1 
ATOM   84  C  CA  . CYS A 1 11 ? 3.464  -2.014  4.243   1.00 1.15  ? 41  CYS A CA  1 
ATOM   85  C  C   . CYS A 1 11 ? 2.685  -2.576  5.434   1.00 1.06  ? 41  CYS A C   1 
ATOM   86  O  O   . CYS A 1 11 ? 2.069  -3.637  5.332   1.00 1.39  ? 41  CYS A O   1 
ATOM   87  C  CB  . CYS A 1 11 ? 2.660  -0.957  3.483   1.00 1.20  ? 41  CYS A CB  1 
ATOM   88  S  SG  . CYS A 1 11 ? 1.260  -0.239  4.418   1.00 1.67  ? 41  CYS A SG  1 
ATOM   89  H  H   . CYS A 1 11 ? 3.803  -2.928  2.401   1.00 1.47  ? 41  CYS A H   1 
ATOM   90  H  HA  . CYS A 1 11 ? 4.389  -1.543  4.573   1.00 1.21  ? 41  CYS A HA  1 
ATOM   91  N  N   . ALA A 1 12 ? 2.736  -1.841  6.534   1.00 1.24  ? 42  ALA A N   1 
ATOM   92  C  CA  . ALA A 1 12 ? 2.043  -2.252  7.742   1.00 1.33  ? 42  ALA A CA  1 
ATOM   93  C  C   . ALA A 1 12 ? 0.571  -2.515  7.418   1.00 0.94  ? 42  ALA A C   1 
ATOM   94  O  O   . ALA A 1 12 ? 0.108  -3.651  7.496   1.00 0.90  ? 42  ALA A O   1 
ATOM   95  C  CB  . ALA A 1 12 ? 2.220  -1.183  8.823   1.00 2.16  ? 42  ALA A CB  1 
ATOM   96  H  H   . ALA A 1 12 ? 3.239  -0.979  6.607   1.00 1.65  ? 42  ALA A H   1 
ATOM   97  H  HA  . ALA A 1 12 ? 2.502  -3.179  8.088   1.00 1.56  ? 42  ALA A HA  1 
ATOM   98  N  N   . LYS A 1 13 ? -0.122 -1.444  7.060   1.00 1.38  ? 43  LYS A N   1 
ATOM   99  C  CA  . LYS A 1 13 ? -1.532 -1.544  6.723   1.00 1.74  ? 43  LYS A CA  1 
ATOM   100 C  C   . LYS A 1 13 ? -1.717 -2.603  5.633   1.00 1.47  ? 43  LYS A C   1 
ATOM   101 O  O   . LYS A 1 13 ? -2.820 -3.110  5.437   1.00 2.08  ? 43  LYS A O   1 
ATOM   102 C  CB  . LYS A 1 13 ? -2.093 -0.171  6.348   1.00 2.43  ? 43  LYS A CB  1 
ATOM   103 C  CG  . LYS A 1 13 ? -3.403 0.107   7.087   1.00 3.82  ? 43  LYS A CG  1 
ATOM   104 C  CD  . LYS A 1 13 ? -3.606 1.609   7.298   1.00 4.25  ? 43  LYS A CD  1 
ATOM   105 C  CE  . LYS A 1 13 ? -5.064 1.923   7.637   1.00 5.90  ? 43  LYS A CE  1 
ATOM   106 N  NZ  . LYS A 1 13 ? -5.177 3.267   8.245   1.00 6.84  ? 43  LYS A NZ  1 
ATOM   107 H  H   . LYS A 1 13 ? 0.262  -0.524  6.999   1.00 1.77  ? 43  LYS A H   1 
ATOM   108 H  HA  . LYS A 1 13 ? -2.059 -1.874  7.618   1.00 2.02  ? 43  LYS A HA  1 
ATOM   109 N  N   . CYS A 1 14 ? -0.621 -2.903  4.953   1.00 0.91  ? 44  CYS A N   1 
ATOM   110 C  CA  . CYS A 1 14 ? -0.648 -3.891  3.888   1.00 1.28  ? 44  CYS A CA  1 
ATOM   111 C  C   . CYS A 1 14 ? 0.185  -5.097  4.329   1.00 1.89  ? 44  CYS A C   1 
ATOM   112 O  O   . CYS A 1 14 ? 0.709  -5.832  3.494   1.00 2.96  ? 44  CYS A O   1 
ATOM   113 C  CB  . CYS A 1 14 ? -0.154 -3.310  2.563   1.00 1.07  ? 44  CYS A CB  1 
ATOM   114 S  SG  . CYS A 1 14 ? -1.332 -2.183  1.732   1.00 1.39  ? 44  CYS A SG  1 
ATOM   115 H  H   . CYS A 1 14 ? 0.272  -2.485  5.118   1.00 0.70  ? 44  CYS A H   1 
ATOM   116 H  HA  . CYS A 1 14 ? -1.692 -4.173  3.749   1.00 1.80  ? 44  CYS A HA  1 
ATOM   117 N  N   . SER A 1 15 ? 0.282  -5.261  5.640   1.00 1.48  ? 45  SER A N   1 
ATOM   118 C  CA  . SER A 1 15 ? 1.043  -6.364  6.202   1.00 2.19  ? 45  SER A CA  1 
ATOM   119 C  C   . SER A 1 15 ? 0.848  -7.621  5.352   1.00 1.97  ? 45  SER A C   1 
ATOM   120 O  O   . SER A 1 15 ? 1.715  -7.977  4.557   1.00 2.42  ? 45  SER A O   1 
ATOM   121 C  CB  . SER A 1 15 ? 0.633  -6.634  7.651   1.00 3.00  ? 45  SER A CB  1 
ATOM   122 O  OG  . SER A 1 15 ? 1.211  -5.695  8.554   1.00 3.94  ? 45  SER A OG  1 
ATOM   123 H  H   . SER A 1 15 ? -0.148 -4.658  6.312   1.00 1.07  ? 45  SER A H   1 
ATOM   124 H  HA  . SER A 1 15 ? 2.083  -6.041  6.174   1.00 2.86  ? 45  SER A HA  1 
ATOM   125 N  N   . GLN A 1 16 ? -0.298 -8.258  5.548   1.00 2.00  ? 46  GLN A N   1 
ATOM   126 C  CA  . GLN A 1 16 ? -0.618 -9.468  4.810   1.00 2.32  ? 46  GLN A CA  1 
ATOM   127 C  C   . GLN A 1 16 ? -1.989 -9.336  4.146   1.00 1.52  ? 46  GLN A C   1 
ATOM   128 O  O   . GLN A 1 16 ? -2.843 -10.207 4.301   1.00 2.58  ? 46  GLN A O   1 
ATOM   129 C  CB  . GLN A 1 16 ? -0.563 -10.696 5.720   1.00 3.82  ? 46  GLN A CB  1 
ATOM   130 C  CG  . GLN A 1 16 ? -0.863 -11.974 4.934   1.00 4.40  ? 46  GLN A CG  1 
ATOM   131 C  CD  . GLN A 1 16 ? 0.073  -12.110 3.731   1.00 6.16  ? 46  GLN A CD  1 
ATOM   132 O  OE1 . GLN A 1 16 ? 1.269  -12.310 3.863   1.00 7.64  ? 46  GLN A OE1 1 
ATOM   133 N  NE2 . GLN A 1 16 ? -0.537 -11.992 2.555   1.00 6.56  ? 46  GLN A NE2 1 
ATOM   134 H  H   . GLN A 1 16 ? -0.998 -7.961  6.197   1.00 2.30  ? 46  GLN A H   1 
ATOM   135 H  HA  . GLN A 1 16 ? 0.157  -9.555  4.047   1.00 2.86  ? 46  GLN A HA  1 
ATOM   136 N  N   . GLY A 1 17 ? -2.157 -8.241  3.420   1.00 0.97  ? 47  GLY A N   1 
ATOM   137 C  CA  . GLY A 1 17 ? -3.411 -7.985  2.730   1.00 1.37  ? 47  GLY A CA  1 
ATOM   138 C  C   . GLY A 1 17 ? -3.446 -6.563  2.167   1.00 1.42  ? 47  GLY A C   1 
ATOM   139 O  O   . GLY A 1 17 ? -3.621 -5.600  2.912   1.00 2.89  ? 47  GLY A O   1 
ATOM   140 H  H   . GLY A 1 17 ? -1.457 -7.538  3.298   1.00 1.82  ? 47  GLY A H   1 
ATOM   141 N  N   . CYS A 1 18 ? -3.277 -6.476  0.855   1.00 1.29  ? 48  CYS A N   1 
ATOM   142 C  CA  . CYS A 1 18 ? -3.287 -5.188  0.184   1.00 1.21  ? 48  CYS A CA  1 
ATOM   143 C  C   . CYS A 1 18 ? -4.617 -4.496  0.492   1.00 1.07  ? 48  CYS A C   1 
ATOM   144 O  O   . CYS A 1 18 ? -5.543 -4.538  -0.315  1.00 1.75  ? 48  CYS A O   1 
ATOM   145 C  CB  . CYS A 1 18 ? -3.055 -5.333  -1.322  1.00 1.44  ? 48  CYS A CB  1 
ATOM   146 S  SG  . CYS A 1 18 ? -2.828 -3.755  -2.219  1.00 1.24  ? 48  CYS A SG  1 
ATOM   147 H  H   . CYS A 1 18 ? -3.135 -7.264  0.257   1.00 2.47  ? 48  CYS A H   1 
ATOM   148 H  HA  . CYS A 1 18 ? -2.450 -4.618  0.587   1.00 1.16  ? 48  CYS A HA  1 
ATOM   149 N  N   . ILE A 1 19 ? -4.666 -3.875  1.661   1.00 1.07  ? 49  ILE A N   1 
ATOM   150 C  CA  . ILE A 1 19 ? -5.866 -3.175  2.087   1.00 1.05  ? 49  ILE A CA  1 
ATOM   151 C  C   . ILE A 1 19 ? -5.795 -1.720  1.618   1.00 1.02  ? 49  ILE A C   1 
ATOM   152 O  O   . ILE A 1 19 ? -6.552 -0.874  2.092   1.00 1.16  ? 49  ILE A O   1 
ATOM   153 C  CB  . ILE A 1 19 ? -6.069 -3.326  3.596   1.00 1.14  ? 49  ILE A CB  1 
ATOM   154 C  CG1 . ILE A 1 19 ? -5.046 -2.496  4.372   1.00 1.15  ? 49  ILE A CG1 1 
ATOM   155 C  CG2 . ILE A 1 19 ? -6.043 -4.800  4.007   1.00 1.23  ? 49  ILE A CG2 1 
ATOM   156 C  CD1 . ILE A 1 19 ? -5.593 -1.102  4.685   1.00 1.08  ? 49  ILE A CD1 1 
ATOM   157 H  H   . ILE A 1 19 ? -3.908 -3.846  2.312   1.00 1.69  ? 49  ILE A H   1 
ATOM   158 H  HA  . ILE A 1 19 ? -6.715 -3.654  1.598   1.00 1.15  ? 49  ILE A HA  1 
ATOM   159 H  HB  . ILE A 1 19 ? -7.056 -2.939  3.848   1.00 1.26  ? 49  ILE A HB  1 
ATOM   160 N  N   . CYS A 1 20 ? -4.879 -1.473  0.694   1.00 0.99  ? 50  CYS A N   1 
ATOM   161 C  CA  . CYS A 1 20 ? -4.699 -0.135  0.157   1.00 1.03  ? 50  CYS A CA  1 
ATOM   162 C  C   . CYS A 1 20 ? -5.039 -0.167  -1.335  1.00 1.04  ? 50  CYS A C   1 
ATOM   163 O  O   . CYS A 1 20 ? -4.253 -0.654  -2.144  1.00 1.47  ? 50  CYS A O   1 
ATOM   164 C  CB  . CYS A 1 20 ? -3.285 0.391   0.409   1.00 1.43  ? 50  CYS A CB  1 
ATOM   165 S  SG  . CYS A 1 20 ? -2.885 1.957   -0.448  1.00 1.73  ? 50  CYS A SG  1 
ATOM   166 H  H   . CYS A 1 20 ? -4.267 -2.167  0.314   1.00 1.06  ? 50  CYS A H   1 
ATOM   167 H  HA  . CYS A 1 20 ? -5.388 0.514   0.698   1.00 1.05  ? 50  CYS A HA  1 
ATOM   168 N  N   . LYS A 1 21 ? -6.213 0.360   -1.653  1.00 1.12  ? 51  LYS A N   1 
ATOM   169 C  CA  . LYS A 1 21 ? -6.667 0.398   -3.032  1.00 1.39  ? 51  LYS A CA  1 
ATOM   170 C  C   . LYS A 1 21 ? -7.106 1.821   -3.381  1.00 1.38  ? 51  LYS A C   1 
ATOM   171 O  O   . LYS A 1 21 ? -8.280 2.064   -3.656  1.00 2.31  ? 51  LYS A O   1 
ATOM   172 C  CB  . LYS A 1 21 ? -7.752 -0.655  -3.268  1.00 2.24  ? 51  LYS A CB  1 
ATOM   173 C  CG  . LYS A 1 21 ? -7.285 -2.037  -2.807  1.00 3.92  ? 51  LYS A CG  1 
ATOM   174 C  CD  . LYS A 1 21 ? -5.941 -2.402  -3.441  1.00 6.02  ? 51  LYS A CD  1 
ATOM   175 C  CE  . LYS A 1 21 ? -6.141 -3.179  -4.743  1.00 7.21  ? 51  LYS A CE  1 
ATOM   176 N  NZ  . LYS A 1 21 ? -5.131 -2.779  -5.746  1.00 8.43  ? 51  LYS A NZ  1 
ATOM   177 H  H   . LYS A 1 21 ? -6.848 0.754   -0.988  1.00 1.35  ? 51  LYS A H   1 
ATOM   178 H  HA  . LYS A 1 21 ? -5.818 0.134   -3.663  1.00 1.58  ? 51  LYS A HA  1 
ATOM   179 N  N   . GLU A 1 22 ? -6.138 2.726   -3.359  1.00 1.34  ? 52  GLU A N   1 
ATOM   180 C  CA  . GLU A 1 22 ? -6.410 4.120   -3.669  1.00 1.55  ? 52  GLU A CA  1 
ATOM   181 C  C   . GLU A 1 22 ? -5.130 4.950   -3.549  1.00 1.40  ? 52  GLU A C   1 
ATOM   182 O  O   . GLU A 1 22 ? -4.705 5.286   -2.445  1.00 2.50  ? 52  GLU A O   1 
ATOM   183 C  CB  . GLU A 1 22 ? -7.512 4.678   -2.768  1.00 2.63  ? 52  GLU A CB  1 
ATOM   184 C  CG  . GLU A 1 22 ? -7.757 6.161   -3.054  1.00 2.81  ? 52  GLU A CG  1 
ATOM   185 C  CD  . GLU A 1 22 ? -9.253 6.480   -3.052  1.00 3.82  ? 52  GLU A CD  1 
ATOM   186 O  OE1 . GLU A 1 22 ? -9.985 6.025   -3.943  1.00 4.49  ? 52  GLU A OE1 1 
ATOM   187 O  OE2 . GLU A 1 22 ? -9.649 7.229   -2.080  1.00 4.68  ? 52  GLU A OE2 1 
ATOM   188 H  H   . GLU A 1 22 ? -5.185 2.522   -3.136  1.00 1.95  ? 52  GLU A H   1 
ATOM   189 H  HA  . GLU A 1 22 ? -6.758 4.124   -4.702  1.00 1.83  ? 52  GLU A HA  1 
ATOM   190 N  N   . ALA A 1 23 ? -4.551 5.256   -4.701  1.00 1.11  ? 53  ALA A N   1 
ATOM   191 C  CA  . ALA A 1 23 ? -3.328 6.040   -4.739  1.00 1.58  ? 53  ALA A CA  1 
ATOM   192 C  C   . ALA A 1 23 ? -2.751 6.008   -6.156  1.00 1.55  ? 53  ALA A C   1 
ATOM   193 O  O   . ALA A 1 23 ? -1.942 5.141   -6.482  1.00 2.40  ? 53  ALA A O   1 
ATOM   194 C  CB  . ALA A 1 23 ? -2.345 5.503   -3.697  1.00 2.39  ? 53  ALA A CB  1 
ATOM   195 H  H   . ALA A 1 23 ? -4.903 4.979   -5.595  1.00 1.67  ? 53  ALA A H   1 
ATOM   196 H  HA  . ALA A 1 23 ? -3.585 7.068   -4.483  1.00 2.02  ? 53  ALA A HA  1 
ATOM   197 N  N   . SER A 1 24 ? -3.189 6.966   -6.959  1.00 1.28  ? 54  SER A N   1 
ATOM   198 C  CA  . SER A 1 24 ? -2.726 7.060   -8.334  1.00 1.93  ? 54  SER A CA  1 
ATOM   199 C  C   . SER A 1 24 ? -1.454 7.908   -8.400  1.00 2.08  ? 54  SER A C   1 
ATOM   200 O  O   . SER A 1 24 ? -1.249 8.652   -9.359  1.00 3.32  ? 54  SER A O   1 
ATOM   201 C  CB  . SER A 1 24 ? -3.806 7.652   -9.240  1.00 2.55  ? 54  SER A CB  1 
ATOM   202 O  OG  . SER A 1 24 ? -3.987 6.884   -10.427 1.00 3.09  ? 54  SER A OG  1 
ATOM   203 H  H   . SER A 1 24 ? -3.846 7.669   -6.687  1.00 1.38  ? 54  SER A H   1 
ATOM   204 H  HA  . SER A 1 24 ? -2.518 6.034   -8.639  1.00 2.15  ? 54  SER A HA  1 
ATOM   205 N  N   . ASP A 1 25 ? -0.632 7.766   -7.372  1.00 1.45  ? 55  ASP A N   1 
ATOM   206 C  CA  . ASP A 1 25 ? 0.615  8.510   -7.302  1.00 1.61  ? 55  ASP A CA  1 
ATOM   207 C  C   . ASP A 1 25 ? 0.957  8.788   -5.837  1.00 1.45  ? 55  ASP A C   1 
ATOM   208 O  O   . ASP A 1 25 ? 2.080  9.176   -5.520  1.00 1.75  ? 55  ASP A O   1 
ATOM   209 C  CB  . ASP A 1 25 ? 0.496  9.854   -8.023  1.00 1.95  ? 55  ASP A CB  1 
ATOM   210 C  CG  . ASP A 1 25 ? 1.317  9.974   -9.308  1.00 2.93  ? 55  ASP A CG  1 
ATOM   211 O  OD1 . ASP A 1 25 ? 0.876  9.557   -10.389 1.00 4.01  ? 55  ASP A OD1 1 
ATOM   212 O  OD2 . ASP A 1 25 ? 2.472  10.530  -9.167  1.00 3.53  ? 55  ASP A OD2 1 
ATOM   213 H  H   . ASP A 1 25 ? -0.805 7.159   -6.597  1.00 1.81  ? 55  ASP A H   1 
ATOM   214 H  HA  . ASP A 1 25 ? 1.355  7.875   -7.789  1.00 1.76  ? 55  ASP A HA  1 
ATOM   215 N  N   . LYS A 1 26 ? -0.033 8.578   -4.982  1.00 1.07  ? 56  LYS A N   1 
ATOM   216 C  CA  . LYS A 1 26 ? 0.149  8.801   -3.556  1.00 1.06  ? 56  LYS A CA  1 
ATOM   217 C  C   . LYS A 1 26 ? -1.065 8.258   -2.801  1.00 0.93  ? 56  LYS A C   1 
ATOM   218 O  O   . LYS A 1 26 ? -2.182 8.277   -3.318  1.00 0.97  ? 56  LYS A O   1 
ATOM   219 C  CB  . LYS A 1 26 ? 0.436  10.277  -3.278  1.00 1.40  ? 56  LYS A CB  1 
ATOM   220 C  CG  . LYS A 1 26 ? 0.352  10.580  -1.781  1.00 1.62  ? 56  LYS A CG  1 
ATOM   221 C  CD  . LYS A 1 26 ? 0.613  12.062  -1.505  1.00 2.08  ? 56  LYS A CD  1 
ATOM   222 C  CE  . LYS A 1 26 ? -0.416 12.626  -0.524  1.00 3.24  ? 56  LYS A CE  1 
ATOM   223 N  NZ  . LYS A 1 26 ? 0.257  13.380  0.557   1.00 4.47  ? 56  LYS A NZ  1 
ATOM   224 H  H   . LYS A 1 26 ? -0.944 8.262   -5.247  1.00 0.88  ? 56  LYS A H   1 
ATOM   225 H  HA  . LYS A 1 26 ? 1.029  8.237   -3.247  1.00 1.05  ? 56  LYS A HA  1 
ATOM   226 N  N   . CYS A 1 27 ? -0.806 7.786   -1.590  1.00 1.10  ? 57  CYS A N   1 
ATOM   227 C  CA  . CYS A 1 27 ? -1.864 7.239   -0.759  1.00 1.21  ? 57  CYS A CA  1 
ATOM   228 C  C   . CYS A 1 27 ? -1.898 8.025   0.554   1.00 1.61  ? 57  CYS A C   1 
ATOM   229 O  O   . CYS A 1 27 ? -0.935 8.707   0.899   1.00 3.08  ? 57  CYS A O   1 
ATOM   230 C  CB  . CYS A 1 27 ? -1.678 5.739   -0.521  1.00 1.07  ? 57  CYS A CB  1 
ATOM   231 S  SG  . CYS A 1 27 ? -1.128 5.292   1.166   1.00 2.75  ? 57  CYS A SG  1 
ATOM   232 H  H   . CYS A 1 27 ? 0.104  7.775   -1.177  1.00 1.33  ? 57  CYS A H   1 
ATOM   233 H  HA  . CYS A 1 27 ? -2.795 7.367   -1.310  1.00 1.30  ? 57  CYS A HA  1 
ATOM   234 N  N   . SER A 1 28 ? -3.019 7.903   1.251   1.00 0.85  ? 58  SER A N   1 
ATOM   235 C  CA  . SER A 1 28 ? -3.192 8.594   2.518   1.00 1.02  ? 58  SER A CA  1 
ATOM   236 C  C   . SER A 1 28 ? -3.882 7.673   3.525   1.00 0.88  ? 58  SER A C   1 
ATOM   237 O  O   . SER A 1 28 ? -4.421 8.138   4.528   1.00 1.05  ? 58  SER A O   1 
ATOM   238 C  CB  . SER A 1 28 ? -3.997 9.882   2.338   1.00 1.51  ? 58  SER A CB  1 
ATOM   239 O  OG  . SER A 1 28 ? -5.133 9.689   1.500   1.00 1.91  ? 58  SER A OG  1 
ATOM   240 H  H   . SER A 1 28 ? -3.799 7.347   0.963   1.00 1.53  ? 58  SER A H   1 
ATOM   241 H  HA  . SER A 1 28 ? -2.183 8.840   2.852   1.00 1.09  ? 58  SER A HA  1 
ATOM   242 N  N   . CYS A 1 29 ? -3.843 6.384   3.224   1.00 0.83  ? 59  CYS A N   1 
ATOM   243 C  CA  . CYS A 1 29 ? -4.459 5.393   4.092   1.00 0.84  ? 59  CYS A CA  1 
ATOM   244 C  C   . CYS A 1 29 ? -3.346 4.624   4.806   1.00 0.79  ? 59  CYS A C   1 
ATOM   245 O  O   . CYS A 1 29 ? -3.610 3.874   5.745   1.00 0.94  ? 59  CYS A O   1 
ATOM   246 C  CB  . CYS A 1 29 ? -5.389 4.461   3.314   1.00 0.94  ? 59  CYS A CB  1 
ATOM   247 S  SG  . CYS A 1 29 ? -5.102 4.421   1.507   1.00 2.62  ? 59  CYS A SG  1 
ATOM   248 H  H   . CYS A 1 29 ? -3.403 6.013   2.406   1.00 0.98  ? 59  CYS A H   1 
ATOM   249 H  HA  . CYS A 1 29 ? -5.071 5.941   4.807   1.00 0.97  ? 59  CYS A HA  1 
ATOM   250 N  N   . CYS A 1 30 ? -2.127 4.835   4.334   1.00 0.77  ? 60  CYS A N   1 
ATOM   251 C  CA  . CYS A 1 30 ? -0.974 4.169   4.916   1.00 0.90  ? 60  CYS A CA  1 
ATOM   252 C  C   . CYS A 1 30 ? 0.135  5.207   5.105   1.00 1.35  ? 60  CYS A C   1 
ATOM   253 O  O   . CYS A 1 30 ? 0.199  5.871   6.138   1.00 2.30  ? 60  CYS A O   1 
ATOM   254 C  CB  . CYS A 1 30 ? -0.510 2.988   4.061   1.00 0.85  ? 60  CYS A CB  1 
ATOM   255 S  SG  . CYS A 1 30 ? -1.851 1.890   3.477   1.00 1.19  ? 60  CYS A SG  1 
ATOM   256 H  H   . CYS A 1 30 ? -1.921 5.445   3.569   1.00 0.80  ? 60  CYS A H   1 
ATOM   257 H  HA  . CYS A 1 30 ? -1.296 3.768   5.877   1.00 1.11  ? 60  CYS A HA  1 
ATOM   258 N  N   . ALA A 1 31 ? 0.980  5.314   4.090   1.00 2.05  ? 61  ALA A N   1 
ATOM   259 C  CA  . ALA A 1 31 ? 2.082  6.260   4.131   1.00 2.73  ? 61  ALA A CA  1 
ATOM   260 C  C   . ALA A 1 31 ? 1.803  7.407   3.158   1.00 3.49  ? 61  ALA A C   1 
ATOM   261 O  O   . ALA A 1 31 ? 1.912  7.155   1.937   1.00 4.68  ? 61  ALA A O   1 
ATOM   262 C  CB  . ALA A 1 31 ? 3.391  5.533   3.816   1.00 4.21  ? 61  ALA A CB  1 
ATOM   263 O  OXT . ALA A 1 31 ? 1.484  8.509   3.654   1.00 3.86  ? 61  ALA A OXT 1 
ATOM   264 H  H   . ALA A 1 31 ? 0.921  4.771   3.253   1.00 2.81  ? 61  ALA A H   1 
ATOM   265 H  HA  . ALA A 1 31 ? 2.139  6.660   5.144   1.00 2.77  ? 61  ALA A HA  1 
HETATM 266 CD CD  . CD  B 2 .  ? -2.769 3.457   1.622   1.00 1.04  ? 101 CD  A CD  1 
HETATM 267 CD CD  . CD  C 2 .  ? -1.035 -2.994  -0.644  1.00 1.21  ? 105 CD  A CD  1 
HETATM 268 CD CD  . CD  D 2 .  ? -0.482 -0.001  2.599   1.00 1.38  ? 106 CD  A CD  1 
HETATM 269 CD CD  . CD  E 2 .  ? -0.505 1.174   -1.322  1.00 0.81  ? 107 CD  A CD  1 
# 
